data_8WCF
#
_entry.id   8WCF
#
_cell.length_a   51.963
_cell.length_b   55.712
_cell.length_c   58.524
_cell.angle_alpha   90.000
_cell.angle_beta   90.000
_cell.angle_gamma   90.000
#
_symmetry.space_group_name_H-M   'P 21 21 21'
#
loop_
_entity.id
_entity.type
_entity.pdbx_description
1 polymer 'Molecular chaperone Tir'
2 non-polymer NICOTINAMIDE-ADENINE-DINUCLEOTIDE
3 non-polymer 'SULFATE ION'
4 water water
#
_entity_poly.entity_id   1
_entity_poly.type   'polypeptide(L)'
_entity_poly.pdbx_seq_one_letter_code
;GASGSMKRKVFYSFHFDNDVMRVQQIRNMGVLEGDEPVSPNTWEQIKRTEQGVKNWINQSLNGKSCLVVLIGSQTANRPW
VKYEIERAWKEGKAVVGIYIHRLKCPRNGYGTKGPNPFDQFTFKRGDRVIKPLVYEPNFNDAYSDIKNNLATWIENAIKQ
;
_entity_poly.pdbx_strand_id   A
#
# COMPACT_ATOMS: atom_id res chain seq x y z
N GLY A 1 -21.14 22.22 17.50
CA GLY A 1 -19.84 22.45 16.81
C GLY A 1 -19.78 21.83 15.43
N ALA A 2 -18.90 22.36 14.57
CA ALA A 2 -18.74 21.84 13.22
C ALA A 2 -17.93 20.54 13.28
N SER A 3 -18.52 19.45 12.77
CA SER A 3 -17.84 18.17 12.83
C SER A 3 -16.58 18.20 11.98
N GLY A 4 -15.52 17.55 12.48
CA GLY A 4 -14.28 17.42 11.78
C GLY A 4 -14.03 15.99 11.32
N SER A 5 -13.08 15.86 10.41
CA SER A 5 -12.57 14.57 9.98
C SER A 5 -11.10 14.47 10.37
N MET A 6 -10.67 13.25 10.70
CA MET A 6 -9.29 12.95 11.04
C MET A 6 -8.92 11.67 10.33
N LYS A 7 -7.96 11.74 9.41
CA LYS A 7 -7.61 10.59 8.58
C LYS A 7 -6.13 10.28 8.73
N ARG A 8 -5.82 9.00 8.87
CA ARG A 8 -4.43 8.59 9.02
C ARG A 8 -3.68 8.72 7.71
N LYS A 9 -2.50 9.35 7.75
CA LYS A 9 -1.66 9.49 6.58
C LYS A 9 -1.01 8.15 6.27
N VAL A 10 -1.05 7.75 5.00
CA VAL A 10 -0.47 6.47 4.60
C VAL A 10 0.33 6.64 3.31
N PHE A 11 1.19 5.65 3.07
CA PHE A 11 1.96 5.48 1.84
C PHE A 11 1.34 4.30 1.12
N TYR A 12 0.84 4.52 -0.10
CA TYR A 12 0.31 3.44 -0.92
C TYR A 12 1.45 2.83 -1.74
N SER A 13 1.59 1.51 -1.68
CA SER A 13 2.62 0.77 -2.40
C SER A 13 1.90 -0.15 -3.38
N PHE A 14 2.21 -0.02 -4.67
CA PHE A 14 1.47 -0.78 -5.67
C PHE A 14 2.17 -0.72 -7.00
N HIS A 15 1.72 -1.60 -7.90
CA HIS A 15 2.21 -1.70 -9.27
C HIS A 15 1.40 -0.74 -10.15
N PHE A 16 2.04 0.31 -10.63
CA PHE A 16 1.29 1.39 -11.28
C PHE A 16 0.64 0.94 -12.58
N ASP A 17 1.39 0.31 -13.47
CA ASP A 17 0.86 0.11 -14.82
C ASP A 17 -0.33 -0.85 -14.83
N ASN A 18 -0.45 -1.73 -13.84
CA ASN A 18 -1.65 -2.54 -13.74
C ASN A 18 -2.74 -1.90 -12.89
N ASP A 19 -2.37 -1.27 -11.77
CA ASP A 19 -3.33 -1.04 -10.70
C ASP A 19 -3.59 0.42 -10.34
N VAL A 20 -2.98 1.39 -11.02
CA VAL A 20 -3.12 2.78 -10.60
C VAL A 20 -4.58 3.23 -10.57
N MET A 21 -5.38 2.79 -11.53
CA MET A 21 -6.79 3.22 -11.57
CA MET A 21 -6.78 3.22 -11.56
C MET A 21 -7.62 2.51 -10.51
N ARG A 22 -7.27 1.27 -10.17
CA ARG A 22 -7.91 0.62 -9.04
C ARG A 22 -7.60 1.35 -7.73
N VAL A 23 -6.35 1.76 -7.55
CA VAL A 23 -5.98 2.49 -6.34
C VAL A 23 -6.71 3.82 -6.27
N GLN A 24 -6.96 4.45 -7.42
CA GLN A 24 -7.74 5.68 -7.43
CA GLN A 24 -7.74 5.68 -7.43
C GLN A 24 -9.09 5.49 -6.75
N GLN A 25 -9.71 4.32 -6.92
CA GLN A 25 -10.98 4.09 -6.28
C GLN A 25 -10.86 4.15 -4.77
N ILE A 26 -9.75 3.63 -4.23
CA ILE A 26 -9.53 3.70 -2.79
C ILE A 26 -9.35 5.14 -2.34
N ARG A 27 -8.60 5.92 -3.11
CA ARG A 27 -8.49 7.35 -2.81
C ARG A 27 -9.86 7.99 -2.79
N ASN A 28 -10.73 7.62 -3.73
CA ASN A 28 -12.05 8.24 -3.82
C ASN A 28 -12.95 7.90 -2.64
N MET A 29 -12.63 6.84 -1.90
CA MET A 29 -13.43 6.48 -0.73
C MET A 29 -13.30 7.50 0.40
N GLY A 30 -12.22 8.28 0.43
CA GLY A 30 -12.06 9.32 1.42
C GLY A 30 -11.89 8.83 2.84
N VAL A 31 -11.25 7.69 3.04
CA VAL A 31 -11.09 7.10 4.36
C VAL A 31 -9.69 7.29 4.90
N LEU A 32 -8.66 7.07 4.08
CA LEU A 32 -7.29 7.27 4.45
C LEU A 32 -6.76 8.52 3.75
N GLU A 33 -5.66 9.06 4.26
CA GLU A 33 -5.00 10.20 3.61
C GLU A 33 -3.70 9.71 3.00
N GLY A 34 -3.79 9.13 1.81
CA GLY A 34 -2.60 8.67 1.10
C GLY A 34 -1.99 9.78 0.27
N ASP A 35 -0.67 9.82 0.23
CA ASP A 35 -0.01 10.74 -0.68
C ASP A 35 -0.43 10.45 -2.11
N GLU A 36 -0.61 11.51 -2.90
CA GLU A 36 -0.87 11.35 -4.34
C GLU A 36 0.42 11.04 -5.07
N PRO A 37 0.34 10.37 -6.23
CA PRO A 37 1.58 10.10 -6.98
C PRO A 37 2.18 11.38 -7.53
N VAL A 38 3.48 11.35 -7.77
CA VAL A 38 4.11 12.42 -8.56
C VAL A 38 3.73 12.23 -10.02
N SER A 39 4.00 13.22 -10.85
CA SER A 39 3.63 13.12 -12.25
C SER A 39 4.51 12.09 -12.97
N PRO A 40 4.07 11.58 -14.13
CA PRO A 40 4.91 10.61 -14.84
C PRO A 40 6.29 11.14 -15.19
N ASN A 41 6.40 12.40 -15.63
CA ASN A 41 7.73 12.92 -15.94
C ASN A 41 8.57 13.07 -14.67
N THR A 42 7.96 13.47 -13.57
CA THR A 42 8.69 13.54 -12.31
C THR A 42 9.21 12.16 -11.92
N TRP A 43 8.38 11.12 -12.08
CA TRP A 43 8.82 9.77 -11.76
C TRP A 43 10.00 9.37 -12.65
N GLU A 44 9.94 9.69 -13.94
CA GLU A 44 11.05 9.34 -14.83
C GLU A 44 12.34 10.03 -14.38
N GLN A 45 12.26 11.27 -13.93
CA GLN A 45 13.45 11.95 -13.42
CA GLN A 45 13.44 11.95 -13.41
C GLN A 45 13.97 11.25 -12.17
N ILE A 46 13.06 10.89 -11.25
CA ILE A 46 13.47 10.20 -10.03
C ILE A 46 14.16 8.88 -10.37
N LYS A 47 13.65 8.17 -11.36
CA LYS A 47 14.15 6.85 -11.72
C LYS A 47 15.51 6.90 -12.42
N ARG A 48 16.08 8.09 -12.67
CA ARG A 48 17.35 8.14 -13.38
C ARG A 48 18.45 7.41 -12.61
N THR A 49 18.35 7.38 -11.29
CA THR A 49 19.34 6.71 -10.46
C THR A 49 18.64 5.98 -9.32
N GLU A 50 19.26 4.88 -8.88
CA GLU A 50 18.69 4.13 -7.77
C GLU A 50 18.67 4.97 -6.50
N GLN A 51 19.70 5.79 -6.28
CA GLN A 51 19.72 6.64 -5.10
C GLN A 51 18.56 7.62 -5.13
N GLY A 52 18.23 8.14 -6.30
CA GLY A 52 17.10 9.07 -6.39
C GLY A 52 15.79 8.41 -6.00
N VAL A 53 15.59 7.17 -6.43
CA VAL A 53 14.36 6.45 -6.08
C VAL A 53 14.32 6.24 -4.57
N LYS A 54 15.44 5.79 -3.99
CA LYS A 54 15.48 5.55 -2.55
C LYS A 54 15.22 6.84 -1.78
N ASN A 55 15.83 7.94 -2.20
CA ASN A 55 15.60 9.21 -1.54
C ASN A 55 14.11 9.55 -1.56
N TRP A 56 13.47 9.37 -2.72
CA TRP A 56 12.06 9.71 -2.84
C TRP A 56 11.20 8.82 -1.96
N ILE A 57 11.45 7.51 -1.99
CA ILE A 57 10.69 6.59 -1.15
C ILE A 57 10.89 6.93 0.32
N ASN A 58 12.15 7.07 0.72
CA ASN A 58 12.44 7.35 2.12
C ASN A 58 11.75 8.64 2.56
N GLN A 59 11.79 9.68 1.72
CA GLN A 59 11.18 10.95 2.10
C GLN A 59 9.66 10.84 2.18
N SER A 60 9.04 10.10 1.25
CA SER A 60 7.59 9.97 1.24
CA SER A 60 7.59 9.98 1.25
C SER A 60 7.10 9.12 2.42
N LEU A 61 7.90 8.15 2.84
CA LEU A 61 7.51 7.32 3.97
C LEU A 61 7.73 8.00 5.31
N ASN A 62 8.59 9.02 5.37
N ASN A 62 8.58 9.03 5.35
CA ASN A 62 9.07 9.52 6.66
CA ASN A 62 8.76 9.81 6.56
C ASN A 62 7.94 9.76 7.64
C ASN A 62 7.43 10.44 6.97
N GLY A 63 6.95 10.57 7.25
N GLY A 63 7.09 10.33 8.25
CA GLY A 63 5.92 10.99 8.17
CA GLY A 63 5.85 10.87 8.74
C GLY A 63 4.64 10.18 8.09
C GLY A 63 4.63 10.07 8.38
N LYS A 64 4.77 8.91 7.74
CA LYS A 64 3.65 7.99 7.56
C LYS A 64 3.74 6.88 8.60
N SER A 65 2.65 6.64 9.31
CA SER A 65 2.64 5.56 10.29
C SER A 65 2.33 4.20 9.71
N CYS A 66 1.86 4.14 8.45
CA CYS A 66 1.42 2.89 7.87
C CYS A 66 1.65 2.88 6.36
N LEU A 67 2.17 1.76 5.88
CA LEU A 67 2.31 1.47 4.46
C LEU A 67 1.20 0.51 4.08
N VAL A 68 0.49 0.82 3.00
CA VAL A 68 -0.66 0.06 2.53
C VAL A 68 -0.30 -0.50 1.17
N VAL A 69 -0.12 -1.82 1.08
CA VAL A 69 0.17 -2.49 -0.18
C VAL A 69 -1.15 -2.90 -0.82
N LEU A 70 -1.40 -2.43 -2.03
CA LEU A 70 -2.57 -2.84 -2.80
C LEU A 70 -2.14 -3.95 -3.73
N ILE A 71 -2.66 -5.15 -3.51
CA ILE A 71 -2.15 -6.37 -4.12
C ILE A 71 -2.94 -6.67 -5.38
N GLY A 72 -2.28 -6.53 -6.52
CA GLY A 72 -2.77 -6.96 -7.80
C GLY A 72 -2.02 -8.17 -8.30
N SER A 73 -2.02 -8.35 -9.63
CA SER A 73 -1.53 -9.60 -10.20
C SER A 73 -0.01 -9.71 -10.14
N GLN A 74 0.71 -8.59 -10.17
CA GLN A 74 2.17 -8.60 -10.26
C GLN A 74 2.85 -7.89 -9.11
N THR A 75 2.09 -7.40 -8.13
CA THR A 75 2.67 -6.59 -7.07
C THR A 75 3.81 -7.32 -6.37
N ALA A 76 3.65 -8.63 -6.17
CA ALA A 76 4.64 -9.39 -5.42
C ALA A 76 6.02 -9.40 -6.08
N ASN A 77 6.12 -9.12 -7.38
CA ASN A 77 7.42 -9.17 -8.03
CA ASN A 77 7.38 -9.17 -8.11
C ASN A 77 7.98 -7.79 -8.36
N ARG A 78 7.36 -6.72 -7.88
CA ARG A 78 7.87 -5.37 -8.17
C ARG A 78 9.02 -5.04 -7.23
N PRO A 79 10.23 -4.75 -7.75
CA PRO A 79 11.37 -4.55 -6.83
C PRO A 79 11.23 -3.37 -5.89
N TRP A 80 10.60 -2.27 -6.31
CA TRP A 80 10.47 -1.14 -5.40
C TRP A 80 9.37 -1.34 -4.38
N VAL A 81 8.36 -2.16 -4.69
CA VAL A 81 7.42 -2.57 -3.65
C VAL A 81 8.15 -3.32 -2.55
N LYS A 82 9.06 -4.23 -2.92
CA LYS A 82 9.83 -4.94 -1.91
C LYS A 82 10.62 -3.97 -1.05
N TYR A 83 11.29 -3.01 -1.68
CA TYR A 83 12.08 -2.03 -0.94
C TYR A 83 11.19 -1.23 0.02
N GLU A 84 10.02 -0.83 -0.45
CA GLU A 84 9.10 -0.03 0.37
C GLU A 84 8.60 -0.82 1.58
N ILE A 85 8.20 -2.08 1.37
CA ILE A 85 7.76 -2.90 2.49
C ILE A 85 8.89 -3.03 3.50
N GLU A 86 10.09 -3.32 3.01
CA GLU A 86 11.23 -3.52 3.90
C GLU A 86 11.52 -2.24 4.68
N ARG A 87 11.51 -1.10 4.00
CA ARG A 87 11.83 0.15 4.67
C ARG A 87 10.80 0.46 5.74
N ALA A 88 9.52 0.36 5.39
CA ALA A 88 8.47 0.62 6.38
C ALA A 88 8.63 -0.29 7.59
N TRP A 89 8.83 -1.58 7.35
CA TRP A 89 8.94 -2.53 8.45
C TRP A 89 10.16 -2.24 9.31
N LYS A 90 11.30 -1.98 8.67
CA LYS A 90 12.52 -1.67 9.42
C LYS A 90 12.38 -0.39 10.23
N GLU A 91 11.59 0.56 9.74
CA GLU A 91 11.37 1.83 10.41
C GLU A 91 10.32 1.75 11.50
N GLY A 92 9.80 0.57 11.79
CA GLY A 92 8.82 0.41 12.86
C GLY A 92 7.41 0.78 12.50
N LYS A 93 7.15 0.98 11.22
CA LYS A 93 5.82 1.39 10.77
C LYS A 93 4.96 0.15 10.55
N ALA A 94 3.65 0.39 10.49
CA ALA A 94 2.71 -0.68 10.19
C ALA A 94 2.76 -0.99 8.70
N VAL A 95 2.51 -2.25 8.38
CA VAL A 95 2.44 -2.72 6.99
CA VAL A 95 2.45 -2.73 7.00
C VAL A 95 1.20 -3.60 6.87
N VAL A 96 0.40 -3.34 5.85
CA VAL A 96 -0.84 -4.08 5.64
C VAL A 96 -1.04 -4.25 4.14
N GLY A 97 -1.70 -5.34 3.77
CA GLY A 97 -2.01 -5.60 2.38
C GLY A 97 -3.51 -5.74 2.16
N ILE A 98 -3.97 -5.31 0.98
CA ILE A 98 -5.36 -5.44 0.58
C ILE A 98 -5.40 -5.92 -0.86
N TYR A 99 -6.02 -7.06 -1.11
CA TYR A 99 -6.20 -7.51 -2.49
C TYR A 99 -7.16 -6.57 -3.20
N ILE A 100 -6.81 -6.18 -4.43
CA ILE A 100 -7.61 -5.22 -5.19
CA ILE A 100 -7.61 -5.22 -5.19
C ILE A 100 -8.04 -5.76 -6.55
N HIS A 101 -7.88 -7.06 -6.80
CA HIS A 101 -8.28 -7.59 -8.11
C HIS A 101 -9.79 -7.51 -8.32
N ARG A 102 -10.58 -7.35 -7.27
CA ARG A 102 -12.04 -7.25 -7.40
C ARG A 102 -12.51 -5.79 -7.48
N LEU A 103 -11.58 -4.84 -7.58
CA LEU A 103 -11.91 -3.49 -8.01
C LEU A 103 -11.86 -3.46 -9.53
N LYS A 104 -12.93 -2.95 -10.15
CA LYS A 104 -13.05 -3.01 -11.60
C LYS A 104 -12.30 -1.83 -12.21
N CYS A 105 -11.23 -2.11 -12.94
CA CYS A 105 -10.46 -1.07 -13.59
C CYS A 105 -11.20 -0.58 -14.84
N PRO A 106 -11.30 0.73 -15.06
CA PRO A 106 -11.96 1.20 -16.30
C PRO A 106 -11.34 0.67 -17.57
N ARG A 107 -10.07 0.27 -17.54
CA ARG A 107 -9.37 -0.25 -18.70
C ARG A 107 -9.34 -1.77 -18.73
N ASN A 108 -8.93 -2.41 -17.64
CA ASN A 108 -8.67 -3.84 -17.61
C ASN A 108 -9.75 -4.65 -16.91
N GLY A 109 -10.84 -4.01 -16.48
CA GLY A 109 -11.89 -4.74 -15.81
C GLY A 109 -11.40 -5.31 -14.48
N TYR A 110 -11.95 -6.47 -14.11
CA TYR A 110 -11.48 -7.15 -12.91
C TYR A 110 -10.12 -7.79 -13.18
N GLY A 111 -9.32 -7.90 -12.12
CA GLY A 111 -7.96 -8.36 -12.24
C GLY A 111 -7.79 -9.83 -11.89
N THR A 112 -6.59 -10.32 -12.21
CA THR A 112 -6.14 -11.63 -11.76
C THR A 112 -5.65 -11.50 -10.32
N LYS A 113 -6.12 -12.38 -9.43
CA LYS A 113 -5.63 -12.37 -8.07
C LYS A 113 -4.14 -12.73 -8.04
N GLY A 114 -3.35 -11.86 -7.42
CA GLY A 114 -1.92 -12.07 -7.38
C GLY A 114 -1.45 -12.74 -6.11
N PRO A 115 -0.19 -13.18 -6.10
CA PRO A 115 0.38 -13.73 -4.87
C PRO A 115 0.48 -12.69 -3.78
N ASN A 116 0.45 -13.17 -2.53
CA ASN A 116 0.66 -12.29 -1.39
C ASN A 116 2.12 -11.88 -1.33
N PRO A 117 2.46 -10.60 -1.49
CA PRO A 117 3.87 -10.21 -1.48
C PRO A 117 4.60 -10.59 -0.21
N PHE A 118 3.91 -10.62 0.92
CA PHE A 118 4.59 -10.80 2.19
C PHE A 118 5.02 -12.25 2.41
N ASP A 119 4.38 -13.19 1.73
CA ASP A 119 4.68 -14.61 1.97
CA ASP A 119 4.67 -14.60 1.98
C ASP A 119 6.08 -14.98 1.55
N GLN A 120 6.73 -14.17 0.71
CA GLN A 120 8.08 -14.46 0.24
C GLN A 120 9.14 -14.17 1.29
N PHE A 121 8.76 -13.55 2.41
CA PHE A 121 9.71 -13.06 3.40
C PHE A 121 9.29 -13.50 4.79
N THR A 122 10.26 -13.55 5.69
CA THR A 122 10.01 -13.71 7.12
C THR A 122 10.20 -12.35 7.79
N PHE A 123 9.17 -11.91 8.50
CA PHE A 123 9.18 -10.64 9.21
C PHE A 123 9.33 -10.90 10.70
N LYS A 124 10.20 -10.13 11.35
CA LYS A 124 10.37 -10.21 12.79
C LYS A 124 10.42 -8.81 13.39
N ARG A 125 9.90 -8.71 14.61
N ARG A 125 9.87 -8.69 14.60
CA ARG A 125 10.08 -7.54 15.46
CA ARG A 125 10.02 -7.50 15.43
C ARG A 125 10.41 -8.04 16.85
C ARG A 125 10.39 -7.97 16.82
N GLY A 126 11.56 -7.66 17.38
N GLY A 126 11.49 -7.46 17.35
CA GLY A 126 11.94 -8.09 18.71
CA GLY A 126 12.04 -8.05 18.57
C GLY A 126 11.93 -9.60 18.87
C GLY A 126 12.51 -9.45 18.29
N ASP A 127 12.51 -10.30 17.91
N ASP A 127 12.11 -10.39 19.13
CA ASP A 127 12.66 -11.75 17.93
CA ASP A 127 12.40 -11.81 18.93
C ASP A 127 11.34 -12.51 17.81
C ASP A 127 11.29 -12.53 18.18
N ARG A 128 10.20 -11.82 17.91
CA ARG A 128 8.96 -12.40 17.40
C ARG A 128 8.76 -12.37 15.88
N VAL A 129 8.30 -13.51 15.36
CA VAL A 129 7.92 -13.66 13.95
C VAL A 129 6.47 -13.25 13.79
N ILE A 130 6.22 -12.36 12.83
CA ILE A 130 4.92 -11.74 12.61
C ILE A 130 4.59 -11.89 11.14
N LYS A 131 3.31 -12.08 10.83
CA LYS A 131 2.86 -11.98 9.46
C LYS A 131 2.04 -10.72 9.28
N PRO A 132 2.45 -9.81 8.40
CA PRO A 132 1.61 -8.63 8.15
C PRO A 132 0.21 -9.05 7.75
N LEU A 133 -0.77 -8.26 8.17
CA LEU A 133 -2.16 -8.56 7.90
C LEU A 133 -2.48 -8.30 6.44
N VAL A 134 -3.31 -9.17 5.87
CA VAL A 134 -3.78 -9.05 4.49
C VAL A 134 -5.28 -9.27 4.49
N TYR A 135 -6.00 -8.36 3.84
CA TYR A 135 -7.46 -8.39 3.78
C TYR A 135 -7.91 -8.65 2.36
N GLU A 136 -8.91 -9.53 2.22
CA GLU A 136 -9.46 -9.96 0.95
C GLU A 136 -10.89 -9.46 0.86
N PRO A 137 -11.16 -8.38 0.13
CA PRO A 137 -12.52 -7.85 0.03
C PRO A 137 -13.49 -8.87 -0.58
N ASN A 138 -14.77 -8.67 -0.27
CA ASN A 138 -15.82 -9.49 -0.87
C ASN A 138 -15.70 -9.51 -2.39
N PHE A 139 -15.93 -10.70 -2.95
CA PHE A 139 -15.75 -10.90 -4.39
C PHE A 139 -16.68 -10.02 -5.19
N ASN A 140 -17.92 -9.87 -4.74
CA ASN A 140 -18.91 -8.99 -5.34
C ASN A 140 -18.96 -7.73 -4.50
N ASP A 141 -18.89 -6.58 -5.16
CA ASP A 141 -18.91 -5.28 -4.48
C ASP A 141 -17.73 -5.11 -3.50
N ALA A 142 -16.53 -5.34 -4.02
CA ALA A 142 -15.33 -5.09 -3.23
C ALA A 142 -15.19 -3.62 -2.87
N TYR A 143 -15.64 -2.72 -3.74
CA TYR A 143 -15.53 -1.29 -3.44
C TYR A 143 -16.20 -0.97 -2.12
N SER A 144 -17.45 -1.40 -1.95
CA SER A 144 -18.19 -1.09 -0.73
C SER A 144 -17.58 -1.78 0.48
N ASP A 145 -17.16 -3.03 0.32
CA ASP A 145 -16.55 -3.76 1.43
C ASP A 145 -15.29 -3.06 1.92
N ILE A 146 -14.45 -2.62 0.98
CA ILE A 146 -13.25 -1.88 1.35
C ILE A 146 -13.63 -0.57 2.04
N LYS A 147 -14.56 0.18 1.44
CA LYS A 147 -14.90 1.47 2.02
C LYS A 147 -15.41 1.32 3.45
N ASN A 148 -16.17 0.25 3.71
CA ASN A 148 -16.76 0.08 5.02
C ASN A 148 -15.74 -0.33 6.07
N ASN A 149 -14.65 -0.97 5.66
CA ASN A 149 -13.73 -1.60 6.60
C ASN A 149 -12.29 -1.08 6.55
N LEU A 150 -11.94 -0.26 5.57
CA LEU A 150 -10.55 0.09 5.35
C LEU A 150 -9.93 0.79 6.55
N ALA A 151 -10.65 1.72 7.17
CA ALA A 151 -10.07 2.43 8.30
C ALA A 151 -9.72 1.47 9.43
N THR A 152 -10.61 0.53 9.72
CA THR A 152 -10.34 -0.46 10.76
C THR A 152 -9.17 -1.35 10.39
N TRP A 153 -9.11 -1.79 9.13
CA TRP A 153 -8.00 -2.63 8.70
C TRP A 153 -6.66 -1.96 8.96
N ILE A 154 -6.55 -0.67 8.65
CA ILE A 154 -5.30 0.04 8.90
C ILE A 154 -5.01 0.16 10.39
N GLU A 155 -6.04 0.44 11.20
CA GLU A 155 -5.81 0.51 12.65
C GLU A 155 -5.38 -0.84 13.20
N ASN A 156 -5.92 -1.94 12.65
CA ASN A 156 -5.46 -3.26 13.06
C ASN A 156 -3.97 -3.43 12.81
N ALA A 157 -3.52 -2.97 11.64
CA ALA A 157 -2.09 -3.07 11.33
C ALA A 157 -1.27 -2.17 12.24
N ILE A 158 -1.78 -1.00 12.56
CA ILE A 158 -1.08 -0.08 13.46
C ILE A 158 -0.86 -0.73 14.82
N LYS A 159 -1.85 -1.44 15.32
CA LYS A 159 -1.79 -2.04 16.65
C LYS A 159 -0.98 -3.34 16.68
N GLN A 160 -0.61 -3.87 15.53
CA GLN A 160 0.13 -5.12 15.47
C GLN A 160 1.54 -4.96 16.03
#